data_5CQ9
#
_entry.id   5CQ9
#
_cell.length_a   70.613
_cell.length_b   89.800
_cell.length_c   75.595
_cell.angle_alpha   90.00
_cell.angle_beta   117.15
_cell.angle_gamma   90.00
#
_symmetry.space_group_name_H-M   'P 1 21 1'
#
loop_
_entity.id
_entity.type
_entity.pdbx_description
1 polymer 'Secreted effector protein sopD2'
2 polymer '11-mer peptide'
#
loop_
_entity_poly.entity_id
_entity_poly.type
_entity_poly.pdbx_seq_one_letter_code
_entity_poly.pdbx_strand_id
1 'polypeptide(L)'
;MPVTLSFGNRHNYEINHSRLARLMSPDKEEALYMGVWDRFKDCFRTHKKQEVLEVLYTLIHGCERENQAELNVDITGMEK
IHAFTQLKEYANPSQQDRFVMRFDMNQTQVLFEIDGKVIDKCNLHRLLNVSENCIFKVMEEDEEELFLKICIKYGEKISR
YPELLEGFANKLKDAVNEDDDVKDEVYKLMRSGEDRKMECVEWNGTLTEEEKNKLRCLQMGSFNITTQFFKIGYWELEGE
VLFDMVHPTLSYLLQAYKPSLSSDLIETNTMLFSDVLNKDYDDYQNNKREIDAILRRIYRSHNNTLFISEKSSCRNMLI
;
A,B
2 'polypeptide(L)' (UNK)(UNK)(UNK)(UNK)(UNK)(UNK)(UNK)(UNK)(UNK)(UNK)(UNK) C,D
#
# COMPACT_ATOMS: atom_id res chain seq x y z
N VAL A 36 -29.05 -1.50 18.69
CA VAL A 36 -28.27 -1.75 17.46
C VAL A 36 -26.78 -1.99 17.72
N TRP A 37 -26.10 -0.90 18.13
CA TRP A 37 -24.81 -0.97 18.83
C TRP A 37 -23.70 -1.22 17.85
N ASP A 38 -23.53 -2.48 17.48
CA ASP A 38 -22.41 -2.86 16.68
C ASP A 38 -22.87 -3.52 15.40
N ARG A 39 -24.18 -3.46 15.13
CA ARG A 39 -24.59 -3.54 13.76
C ARG A 39 -23.94 -2.36 13.15
N PHE A 40 -24.15 -1.18 13.72
CA PHE A 40 -23.65 0.03 13.10
C PHE A 40 -22.15 0.11 13.17
N LYS A 41 -21.58 -0.38 14.26
CA LYS A 41 -20.14 -0.67 14.30
C LYS A 41 -19.78 -1.45 13.04
N ASP A 42 -20.34 -2.66 12.97
CA ASP A 42 -20.04 -3.66 11.93
C ASP A 42 -20.32 -3.13 10.52
N CYS A 43 -21.52 -2.61 10.31
CA CYS A 43 -21.98 -2.21 8.99
C CYS A 43 -21.23 -1.00 8.50
N PHE A 44 -21.54 0.17 9.04
CA PHE A 44 -21.10 1.43 8.44
C PHE A 44 -19.59 1.50 8.26
N ARG A 45 -18.89 0.64 9.00
CA ARG A 45 -17.49 0.39 8.75
C ARG A 45 -17.15 0.47 7.26
N THR A 46 -16.11 1.24 6.97
CA THR A 46 -15.54 1.28 5.63
C THR A 46 -14.91 -0.08 5.32
N HIS A 47 -14.59 -0.33 4.05
CA HIS A 47 -13.99 -1.64 3.69
C HIS A 47 -12.48 -1.55 3.45
N LYS A 48 -11.75 -1.90 4.51
CA LYS A 48 -10.31 -1.72 4.57
C LYS A 48 -9.61 -2.59 3.53
N LYS A 49 -9.84 -3.90 3.63
CA LYS A 49 -9.29 -4.86 2.69
C LYS A 49 -9.52 -4.44 1.26
N GLN A 50 -10.60 -3.72 1.00
CA GLN A 50 -10.91 -3.37 -0.36
C GLN A 50 -10.01 -2.30 -0.88
N GLU A 51 -10.01 -1.12 -0.27
CA GLU A 51 -9.31 0.03 -0.86
C GLU A 51 -7.79 -0.11 -0.78
N VAL A 52 -7.32 -0.95 0.15
CA VAL A 52 -5.92 -1.36 0.19
C VAL A 52 -5.59 -2.13 -1.08
N LEU A 53 -6.20 -3.29 -1.25
CA LEU A 53 -5.89 -4.11 -2.39
C LEU A 53 -6.25 -3.22 -3.54
N GLU A 54 -7.48 -2.74 -3.53
CA GLU A 54 -8.03 -2.05 -4.70
C GLU A 54 -7.18 -0.88 -5.18
N VAL A 55 -6.24 -0.41 -4.39
CA VAL A 55 -5.43 0.65 -4.93
C VAL A 55 -4.01 0.73 -4.37
N LEU A 56 -3.62 -0.32 -3.67
CA LEU A 56 -2.29 -0.82 -3.85
C LEU A 56 -2.12 -0.79 -5.37
N TYR A 57 -3.07 -1.36 -6.09
CA TYR A 57 -3.01 -1.43 -7.56
C TYR A 57 -2.56 -0.17 -8.23
N THR A 58 -3.22 0.95 -7.98
CA THR A 58 -2.83 2.19 -8.62
C THR A 58 -1.33 2.48 -8.36
N LEU A 59 -0.83 2.08 -7.20
CA LEU A 59 0.60 2.17 -6.94
C LEU A 59 1.40 1.46 -8.02
N ILE A 60 1.10 0.18 -8.23
CA ILE A 60 1.83 -0.61 -9.21
C ILE A 60 1.72 -0.01 -10.62
N HIS A 61 0.67 0.76 -10.87
CA HIS A 61 0.60 1.63 -12.07
C HIS A 61 1.78 2.60 -12.17
N GLY A 62 1.91 3.49 -11.18
CA GLY A 62 3.02 4.44 -11.11
C GLY A 62 4.39 3.80 -10.90
N THR A 76 -2.52 1.81 -22.50
CA THR A 76 -2.44 1.21 -21.16
C THR A 76 -3.31 -0.08 -21.08
N GLY A 77 -4.23 -0.25 -22.03
CA GLY A 77 -5.14 -1.38 -22.02
C GLY A 77 -4.35 -2.66 -21.89
N MET A 78 -3.34 -2.81 -22.75
CA MET A 78 -2.45 -3.97 -22.71
C MET A 78 -1.52 -3.83 -21.53
N GLU A 79 -0.97 -2.64 -21.34
CA GLU A 79 -0.09 -2.42 -20.19
C GLU A 79 -0.68 -3.01 -18.91
N LYS A 80 -1.95 -2.73 -18.63
CA LYS A 80 -2.56 -3.32 -17.45
C LYS A 80 -2.50 -4.83 -17.51
N ILE A 81 -2.92 -5.39 -18.63
CA ILE A 81 -2.98 -6.84 -18.79
C ILE A 81 -1.67 -7.46 -18.31
N HIS A 82 -0.56 -6.86 -18.75
CA HIS A 82 0.76 -7.36 -18.46
C HIS A 82 1.08 -7.20 -17.00
N ALA A 83 1.10 -5.95 -16.56
CA ALA A 83 1.22 -5.60 -15.15
C ALA A 83 0.50 -6.64 -14.34
N PHE A 84 -0.80 -6.74 -14.56
CA PHE A 84 -1.58 -7.58 -13.72
C PHE A 84 -1.07 -8.99 -13.69
N THR A 85 -0.55 -9.52 -14.78
CA THR A 85 -0.08 -10.90 -14.76
C THR A 85 1.26 -10.93 -14.06
N GLN A 86 2.02 -9.87 -14.29
CA GLN A 86 3.32 -9.78 -13.72
C GLN A 86 3.16 -9.83 -12.23
N LEU A 87 2.32 -8.94 -11.71
CA LEU A 87 1.93 -8.95 -10.32
C LEU A 87 1.52 -10.34 -9.83
N LYS A 88 0.60 -10.97 -10.54
CA LYS A 88 0.10 -12.28 -10.18
C LYS A 88 1.23 -13.28 -10.07
N GLU A 89 2.29 -13.10 -10.86
CA GLU A 89 3.40 -14.05 -10.79
C GLU A 89 4.20 -13.92 -9.49
N TYR A 90 4.29 -12.72 -8.93
CA TYR A 90 5.01 -12.56 -7.66
C TYR A 90 4.11 -12.82 -6.48
N ALA A 91 3.96 -14.10 -6.13
CA ALA A 91 2.99 -14.48 -5.12
C ALA A 91 3.17 -15.90 -4.63
N ASN A 92 3.19 -16.82 -5.59
CA ASN A 92 3.31 -18.25 -5.33
C ASN A 92 2.00 -18.83 -4.77
N PRO A 93 1.51 -19.94 -5.35
CA PRO A 93 0.17 -20.44 -5.05
C PRO A 93 -0.26 -20.52 -3.57
N SER A 94 -1.54 -20.83 -3.40
CA SER A 94 -2.34 -20.45 -2.24
C SER A 94 -2.62 -18.95 -2.32
N GLN A 95 -1.74 -18.21 -3.01
CA GLN A 95 -1.91 -16.79 -3.27
C GLN A 95 -2.21 -16.52 -4.74
N GLN A 96 -1.44 -17.09 -5.67
CA GLN A 96 -1.67 -16.87 -7.11
C GLN A 96 -3.10 -17.14 -7.57
N ASP A 97 -3.73 -18.13 -6.94
CA ASP A 97 -5.09 -18.49 -7.25
C ASP A 97 -6.08 -17.36 -6.93
N ARG A 98 -5.67 -16.39 -6.12
CA ARG A 98 -6.57 -15.30 -5.76
C ARG A 98 -6.45 -14.10 -6.69
N PHE A 99 -5.73 -14.26 -7.79
CA PHE A 99 -5.67 -13.25 -8.83
C PHE A 99 -6.34 -13.79 -10.10
N VAL A 100 -7.39 -13.13 -10.59
CA VAL A 100 -8.06 -13.56 -11.85
C VAL A 100 -8.35 -12.44 -12.87
N MET A 101 -8.18 -12.80 -14.13
CA MET A 101 -8.42 -11.93 -15.25
C MET A 101 -9.39 -12.70 -16.12
N ARG A 102 -10.57 -12.15 -16.39
CA ARG A 102 -11.63 -12.89 -17.04
C ARG A 102 -12.56 -11.95 -17.71
N PHE A 103 -13.08 -12.32 -18.88
CA PHE A 103 -14.10 -11.51 -19.52
C PHE A 103 -15.34 -11.48 -18.68
N ASP A 104 -16.05 -10.37 -18.71
CA ASP A 104 -17.37 -10.35 -18.12
C ASP A 104 -18.21 -11.30 -18.91
N MET A 105 -19.26 -11.82 -18.29
CA MET A 105 -20.13 -12.82 -18.92
C MET A 105 -20.53 -12.40 -20.32
N ASN A 106 -20.47 -11.10 -20.59
CA ASN A 106 -20.92 -10.55 -21.86
C ASN A 106 -19.83 -10.37 -22.91
N GLN A 107 -18.61 -10.75 -22.57
CA GLN A 107 -17.42 -10.54 -23.39
C GLN A 107 -17.18 -9.09 -23.84
N THR A 108 -17.80 -8.13 -23.19
CA THR A 108 -17.61 -6.74 -23.54
C THR A 108 -16.38 -6.20 -22.83
N GLN A 109 -16.07 -6.81 -21.68
CA GLN A 109 -15.11 -6.28 -20.72
C GLN A 109 -14.20 -7.33 -20.13
N VAL A 110 -12.93 -6.98 -20.06
CA VAL A 110 -11.95 -7.76 -19.30
C VAL A 110 -11.91 -7.17 -17.92
N LEU A 111 -12.00 -8.03 -16.90
CA LEU A 111 -12.02 -7.62 -15.51
C LEU A 111 -10.81 -8.17 -14.81
N PHE A 112 -10.23 -7.38 -13.92
CA PHE A 112 -9.16 -7.86 -13.05
C PHE A 112 -9.74 -8.01 -11.62
N GLU A 113 -9.37 -9.06 -10.90
CA GLU A 113 -9.96 -9.31 -9.57
C GLU A 113 -8.98 -9.90 -8.53
N ILE A 114 -8.74 -9.19 -7.43
CA ILE A 114 -8.11 -9.82 -6.27
C ILE A 114 -9.20 -10.32 -5.32
N ASP A 115 -8.99 -11.54 -4.83
CA ASP A 115 -10.01 -12.29 -4.13
C ASP A 115 -11.26 -12.26 -4.99
N GLY A 116 -12.41 -11.93 -4.43
CA GLY A 116 -13.62 -11.93 -5.24
C GLY A 116 -13.71 -10.67 -6.09
N LYS A 117 -12.98 -9.65 -5.70
CA LYS A 117 -13.41 -8.27 -5.94
C LYS A 117 -12.74 -7.65 -7.15
N VAL A 118 -13.57 -7.04 -8.00
CA VAL A 118 -13.06 -6.41 -9.18
C VAL A 118 -12.19 -5.25 -8.73
N ILE A 119 -11.02 -5.14 -9.35
CA ILE A 119 -10.03 -4.14 -8.99
C ILE A 119 -9.87 -3.07 -10.05
N ASP A 120 -10.17 -3.45 -11.29
CA ASP A 120 -9.94 -2.65 -12.50
C ASP A 120 -10.60 -3.45 -13.64
N LYS A 121 -10.92 -2.77 -14.74
CA LYS A 121 -11.66 -3.36 -15.84
C LYS A 121 -11.15 -2.83 -17.17
N CYS A 122 -11.55 -3.45 -18.26
CA CYS A 122 -11.19 -2.93 -19.57
C CYS A 122 -12.16 -3.30 -20.68
N ASN A 123 -12.60 -2.28 -21.42
CA ASN A 123 -13.48 -2.48 -22.55
C ASN A 123 -12.69 -3.05 -23.70
N LEU A 124 -13.25 -4.10 -24.26
CA LEU A 124 -12.69 -4.75 -25.41
C LEU A 124 -12.62 -3.76 -26.58
N HIS A 125 -13.72 -3.08 -26.85
CA HIS A 125 -13.79 -2.08 -27.93
C HIS A 125 -12.54 -1.22 -27.91
N ARG A 126 -12.31 -0.63 -26.75
CA ARG A 126 -11.22 0.31 -26.58
C ARG A 126 -9.91 -0.43 -26.55
N LEU A 127 -9.93 -1.63 -26.00
CA LEU A 127 -8.71 -2.44 -25.94
C LEU A 127 -8.17 -2.77 -27.33
N LEU A 128 -9.06 -3.06 -28.26
CA LEU A 128 -8.67 -3.30 -29.63
C LEU A 128 -8.63 -2.04 -30.47
N ASN A 129 -9.03 -0.92 -29.89
CA ASN A 129 -8.99 0.38 -30.57
C ASN A 129 -10.01 0.39 -31.70
N VAL A 130 -11.26 0.19 -31.32
CA VAL A 130 -12.36 0.00 -32.25
C VAL A 130 -13.58 0.66 -31.61
N SER A 131 -14.70 0.83 -32.30
CA SER A 131 -15.75 1.71 -31.79
C SER A 131 -16.77 0.99 -30.95
N GLU A 132 -17.53 1.81 -30.22
CA GLU A 132 -18.50 1.39 -29.21
C GLU A 132 -19.51 0.41 -29.76
N ASN A 133 -20.02 0.68 -30.96
CA ASN A 133 -21.09 -0.11 -31.55
C ASN A 133 -20.62 -1.38 -32.27
N CYS A 134 -19.31 -1.65 -32.22
CA CYS A 134 -18.71 -2.78 -32.93
C CYS A 134 -19.11 -4.13 -32.35
N ILE A 135 -19.56 -5.04 -33.20
CA ILE A 135 -19.99 -6.34 -32.75
C ILE A 135 -18.84 -7.31 -32.74
N PHE A 136 -18.84 -8.15 -31.72
CA PHE A 136 -17.84 -9.15 -31.50
C PHE A 136 -18.49 -10.51 -31.46
N LYS A 137 -18.01 -11.42 -32.30
CA LYS A 137 -18.48 -12.79 -32.27
C LYS A 137 -17.95 -13.40 -30.97
N VAL A 138 -18.74 -14.24 -30.33
CA VAL A 138 -18.37 -14.85 -29.05
C VAL A 138 -17.21 -15.85 -29.20
N MET A 139 -16.44 -15.98 -28.12
CA MET A 139 -15.32 -16.90 -28.09
C MET A 139 -15.56 -18.03 -27.09
N GLU A 140 -15.17 -19.25 -27.44
CA GLU A 140 -15.12 -20.35 -26.50
C GLU A 140 -13.98 -20.03 -25.58
N GLU A 141 -13.97 -20.67 -24.42
CA GLU A 141 -13.08 -20.29 -23.33
C GLU A 141 -11.61 -20.43 -23.66
N ASP A 142 -11.31 -21.42 -24.48
CA ASP A 142 -9.94 -21.60 -24.94
C ASP A 142 -9.53 -20.37 -25.77
N GLU A 143 -10.44 -19.90 -26.63
CA GLU A 143 -10.17 -18.73 -27.47
C GLU A 143 -9.94 -17.51 -26.59
N GLU A 144 -10.77 -17.38 -25.58
CA GLU A 144 -10.62 -16.36 -24.57
C GLU A 144 -9.23 -16.41 -23.94
N GLU A 145 -8.72 -17.61 -23.64
CA GLU A 145 -7.45 -17.72 -22.95
C GLU A 145 -6.26 -17.28 -23.82
N LEU A 146 -6.27 -17.73 -25.07
CA LEU A 146 -5.21 -17.36 -25.99
C LEU A 146 -5.20 -15.85 -26.12
N PHE A 147 -6.36 -15.33 -26.44
CA PHE A 147 -6.59 -13.92 -26.53
C PHE A 147 -5.90 -13.24 -25.37
N LEU A 148 -6.18 -13.71 -24.17
CA LEU A 148 -5.61 -13.08 -23.03
C LEU A 148 -4.11 -13.23 -23.06
N LYS A 149 -3.64 -14.45 -23.31
CA LYS A 149 -2.22 -14.66 -23.41
C LYS A 149 -1.53 -13.79 -24.47
N ILE A 150 -2.20 -13.46 -25.54
CA ILE A 150 -1.54 -12.64 -26.52
C ILE A 150 -1.41 -11.22 -26.02
N CYS A 151 -2.36 -10.78 -25.22
CA CYS A 151 -2.35 -9.40 -24.78
C CYS A 151 -1.19 -9.19 -23.84
N ILE A 152 -0.90 -10.20 -23.03
CA ILE A 152 0.24 -10.13 -22.15
C ILE A 152 1.48 -9.87 -23.01
N LYS A 153 1.70 -10.73 -23.99
CA LYS A 153 2.83 -10.54 -24.86
C LYS A 153 2.90 -9.18 -25.46
N TYR A 154 1.77 -8.59 -25.84
CA TYR A 154 1.80 -7.22 -26.33
C TYR A 154 2.25 -6.32 -25.18
N GLY A 155 1.74 -6.57 -23.98
CA GLY A 155 2.16 -5.84 -22.79
C GLY A 155 3.67 -5.86 -22.61
N GLU A 156 4.25 -7.03 -22.40
CA GLU A 156 5.72 -7.17 -22.31
C GLU A 156 6.37 -6.27 -23.28
N LYS A 157 6.12 -6.56 -24.54
CA LYS A 157 6.83 -5.90 -25.60
C LYS A 157 6.68 -4.38 -25.51
N ILE A 158 5.50 -3.88 -25.15
CA ILE A 158 5.32 -2.43 -25.00
C ILE A 158 6.20 -1.88 -23.90
N SER A 159 6.10 -2.47 -22.72
CA SER A 159 6.79 -1.99 -21.53
C SER A 159 8.25 -2.40 -21.50
N ARG A 160 8.63 -3.34 -22.37
CA ARG A 160 9.98 -3.87 -22.37
C ARG A 160 10.85 -3.17 -23.42
N TYR A 161 10.29 -3.01 -24.62
CA TYR A 161 10.97 -2.35 -25.75
C TYR A 161 10.15 -1.13 -26.18
N PRO A 162 10.15 -0.06 -25.37
CA PRO A 162 9.38 1.12 -25.79
C PRO A 162 9.80 1.67 -27.15
N GLU A 163 11.02 1.34 -27.59
CA GLU A 163 11.57 1.81 -28.87
C GLU A 163 11.04 1.10 -30.15
N LEU A 164 9.88 0.42 -30.05
CA LEU A 164 9.16 -0.06 -31.24
C LEU A 164 8.10 0.96 -31.66
N LEU A 165 8.06 2.08 -30.92
CA LEU A 165 7.34 3.28 -31.32
C LEU A 165 8.03 3.98 -32.50
N GLU A 166 9.29 3.61 -32.77
CA GLU A 166 9.91 3.89 -34.05
C GLU A 166 8.94 3.52 -35.17
N GLY A 167 9.17 4.09 -36.35
CA GLY A 167 8.41 3.74 -37.55
C GLY A 167 7.93 2.29 -37.58
N PHE A 168 6.67 2.13 -37.95
CA PHE A 168 5.94 0.86 -37.91
C PHE A 168 5.42 0.59 -36.49
N ALA A 169 4.11 0.72 -36.33
CA ALA A 169 3.42 0.08 -35.21
C ALA A 169 3.38 -1.42 -35.51
N ASN A 170 3.53 -1.76 -36.79
CA ASN A 170 3.66 -3.15 -37.24
C ASN A 170 4.78 -3.90 -36.57
N LYS A 171 5.89 -3.22 -36.28
CA LYS A 171 7.03 -3.91 -35.71
C LYS A 171 6.81 -4.30 -34.24
N LEU A 172 5.70 -3.84 -33.66
CA LEU A 172 5.18 -4.37 -32.40
C LEU A 172 4.39 -5.65 -32.67
N LYS A 173 3.40 -5.56 -33.57
CA LYS A 173 2.68 -6.75 -34.02
C LYS A 173 3.65 -7.81 -34.50
N ASP A 174 4.62 -7.40 -35.30
CA ASP A 174 5.56 -8.35 -35.86
C ASP A 174 6.35 -9.00 -34.73
N ALA A 175 6.69 -8.21 -33.71
CA ALA A 175 7.33 -8.74 -32.51
C ALA A 175 6.50 -9.85 -31.90
N VAL A 176 5.26 -9.51 -31.55
CA VAL A 176 4.32 -10.47 -31.00
C VAL A 176 4.19 -11.65 -31.94
N ASN A 177 3.87 -11.35 -33.20
CA ASN A 177 3.69 -12.39 -34.21
C ASN A 177 4.88 -13.29 -34.33
N GLU A 178 6.07 -12.72 -34.22
CA GLU A 178 7.30 -13.49 -34.39
C GLU A 178 7.64 -14.36 -33.18
N ASP A 179 7.12 -14.03 -32.02
CA ASP A 179 7.47 -14.69 -30.79
C ASP A 179 7.01 -16.15 -30.72
N ASP A 180 7.97 -17.07 -30.61
CA ASP A 180 7.71 -18.52 -30.58
C ASP A 180 6.75 -18.99 -29.51
N ASP A 181 6.67 -18.29 -28.40
CA ASP A 181 5.72 -18.73 -27.40
C ASP A 181 4.31 -18.45 -27.84
N VAL A 182 4.10 -17.40 -28.61
CA VAL A 182 2.78 -17.17 -29.15
C VAL A 182 2.52 -18.25 -30.19
N LYS A 183 3.41 -18.31 -31.17
CA LYS A 183 3.27 -19.27 -32.23
C LYS A 183 2.84 -20.60 -31.66
N ASP A 184 3.49 -21.01 -30.58
CA ASP A 184 3.21 -22.31 -29.97
C ASP A 184 1.79 -22.39 -29.50
N GLU A 185 1.36 -21.39 -28.75
CA GLU A 185 0.02 -21.43 -28.19
C GLU A 185 -1.06 -21.39 -29.25
N VAL A 186 -0.80 -20.65 -30.32
CA VAL A 186 -1.75 -20.58 -31.39
C VAL A 186 -1.92 -21.93 -32.06
N TYR A 187 -0.79 -22.55 -32.36
CA TYR A 187 -0.82 -23.89 -32.94
C TYR A 187 -1.42 -24.89 -31.98
N LYS A 188 -1.04 -24.76 -30.71
CA LYS A 188 -1.50 -25.71 -29.74
C LYS A 188 -3.00 -25.74 -29.78
N LEU A 189 -3.61 -24.58 -29.83
CA LEU A 189 -5.05 -24.49 -29.84
C LEU A 189 -5.56 -24.89 -31.20
N MET A 190 -5.16 -24.15 -32.23
CA MET A 190 -5.82 -24.27 -33.53
C MET A 190 -5.42 -25.48 -34.38
N ARG A 191 -4.20 -25.99 -34.21
CA ARG A 191 -3.79 -27.19 -34.93
C ARG A 191 -3.01 -28.04 -33.99
N SER A 192 -3.76 -28.57 -33.03
CA SER A 192 -3.21 -29.23 -31.87
C SER A 192 -2.23 -30.35 -32.09
N GLY A 193 -2.30 -31.03 -33.23
CA GLY A 193 -1.42 -32.18 -33.47
C GLY A 193 -0.58 -31.99 -34.70
N GLU A 194 -0.13 -30.76 -34.91
CA GLU A 194 0.73 -30.42 -36.03
C GLU A 194 2.01 -29.80 -35.50
N ASP A 195 3.15 -30.27 -36.01
CA ASP A 195 4.41 -29.59 -35.76
C ASP A 195 4.52 -28.43 -36.73
N ARG A 196 4.50 -27.22 -36.20
CA ARG A 196 4.54 -26.02 -37.01
C ARG A 196 5.85 -25.92 -37.74
N LYS A 197 6.87 -26.66 -37.29
CA LYS A 197 8.18 -26.64 -37.93
C LYS A 197 8.37 -27.70 -39.04
N MET A 198 7.35 -28.52 -39.27
CA MET A 198 7.40 -29.52 -40.34
C MET A 198 7.77 -28.95 -41.71
N GLU A 199 8.26 -29.80 -42.60
CA GLU A 199 8.48 -29.36 -43.96
C GLU A 199 7.11 -29.33 -44.58
N CYS A 200 6.89 -28.36 -45.46
CA CYS A 200 5.62 -28.25 -46.16
C CYS A 200 5.39 -29.46 -47.02
N VAL A 201 4.18 -29.54 -47.54
CA VAL A 201 3.78 -30.60 -48.42
C VAL A 201 3.38 -29.91 -49.70
N GLU A 202 3.57 -30.58 -50.83
CA GLU A 202 3.33 -30.01 -52.16
C GLU A 202 1.97 -30.41 -52.76
N TRP A 203 1.34 -29.43 -53.40
CA TRP A 203 -0.03 -29.50 -53.91
C TRP A 203 -0.33 -30.62 -54.93
N ASN A 204 -1.59 -31.08 -54.98
CA ASN A 204 -2.06 -32.19 -55.81
C ASN A 204 -3.37 -31.85 -56.51
N GLY A 205 -3.41 -30.68 -57.16
CA GLY A 205 -4.56 -30.16 -57.91
C GLY A 205 -5.84 -30.97 -58.01
N THR A 206 -6.74 -30.85 -57.04
CA THR A 206 -8.01 -31.57 -57.09
C THR A 206 -9.25 -30.67 -57.40
N LEU A 207 -9.01 -29.39 -57.73
CA LEU A 207 -10.07 -28.38 -57.56
C LEU A 207 -10.69 -27.83 -58.82
N THR A 208 -12.01 -27.84 -58.82
CA THR A 208 -12.82 -27.27 -59.88
C THR A 208 -12.96 -25.78 -59.61
N GLU A 209 -13.69 -25.05 -60.46
CA GLU A 209 -13.84 -23.62 -60.26
C GLU A 209 -15.09 -23.29 -59.46
N GLU A 210 -16.08 -24.17 -59.51
CA GLU A 210 -17.15 -24.10 -58.54
C GLU A 210 -16.53 -24.19 -57.15
N GLU A 211 -15.68 -25.20 -56.97
CA GLU A 211 -14.94 -25.40 -55.74
C GLU A 211 -14.19 -24.12 -55.33
N LYS A 212 -13.28 -23.67 -56.17
CA LYS A 212 -12.45 -22.52 -55.82
C LYS A 212 -13.28 -21.38 -55.24
N ASN A 213 -14.49 -21.20 -55.76
CA ASN A 213 -15.39 -20.15 -55.31
C ASN A 213 -15.97 -20.42 -53.92
N LYS A 214 -16.12 -21.68 -53.58
CA LYS A 214 -16.61 -22.04 -52.28
C LYS A 214 -15.58 -21.75 -51.22
N LEU A 215 -14.30 -21.81 -51.60
CA LEU A 215 -13.21 -21.49 -50.69
C LEU A 215 -12.78 -20.02 -50.72
N ARG A 216 -13.51 -19.15 -51.39
CA ARG A 216 -13.05 -17.78 -51.47
C ARG A 216 -13.17 -17.06 -50.11
N CYS A 217 -14.21 -17.41 -49.35
CA CYS A 217 -14.43 -16.81 -48.03
C CYS A 217 -13.27 -17.02 -47.07
N LEU A 218 -12.48 -18.07 -47.29
CA LEU A 218 -11.28 -18.34 -46.49
C LEU A 218 -10.16 -17.31 -46.66
N GLN A 219 -10.17 -16.55 -47.74
CA GLN A 219 -9.10 -15.57 -47.96
C GLN A 219 -9.57 -14.26 -48.61
N MET A 220 -10.62 -13.68 -48.01
CA MET A 220 -11.14 -12.36 -48.36
C MET A 220 -11.66 -12.29 -49.78
N GLY A 221 -12.16 -13.40 -50.30
CA GLY A 221 -12.73 -13.42 -51.63
C GLY A 221 -11.73 -13.79 -52.71
N SER A 222 -10.46 -13.92 -52.33
CA SER A 222 -9.41 -14.37 -53.24
C SER A 222 -9.35 -15.88 -53.26
N PHE A 223 -8.74 -16.45 -54.29
CA PHE A 223 -8.19 -17.80 -54.19
C PHE A 223 -6.71 -17.82 -54.50
N ASN A 224 -6.01 -18.62 -53.73
CA ASN A 224 -4.60 -18.80 -53.91
C ASN A 224 -4.12 -19.90 -52.96
N ILE A 225 -3.70 -21.00 -53.55
CA ILE A 225 -3.48 -22.22 -52.81
C ILE A 225 -2.30 -22.18 -51.84
N THR A 226 -1.36 -21.30 -52.06
CA THR A 226 -0.25 -21.21 -51.13
C THR A 226 -0.67 -20.55 -49.82
N THR A 227 -1.85 -19.90 -49.84
CA THR A 227 -2.33 -19.04 -48.75
C THR A 227 -3.78 -19.29 -48.32
N GLN A 228 -4.47 -20.24 -48.95
CA GLN A 228 -5.91 -20.36 -48.74
C GLN A 228 -6.30 -20.95 -47.37
N PHE A 229 -5.34 -21.47 -46.61
CA PHE A 229 -5.66 -22.25 -45.43
C PHE A 229 -5.12 -21.69 -44.13
N PHE A 230 -4.74 -20.42 -44.16
CA PHE A 230 -3.95 -19.83 -43.08
C PHE A 230 -4.79 -19.46 -41.87
N LYS A 231 -6.11 -19.36 -42.05
CA LYS A 231 -7.02 -19.17 -40.92
C LYS A 231 -7.72 -20.45 -40.58
N ILE A 232 -7.22 -21.59 -41.04
CA ILE A 232 -7.96 -22.82 -40.80
C ILE A 232 -7.27 -23.73 -39.79
N GLY A 233 -7.99 -23.99 -38.71
CA GLY A 233 -7.54 -24.97 -37.74
C GLY A 233 -8.13 -26.33 -38.05
N TYR A 234 -7.57 -27.37 -37.42
CA TYR A 234 -8.13 -28.71 -37.53
C TYR A 234 -7.66 -29.67 -36.45
N TRP A 235 -8.58 -30.53 -36.01
CA TRP A 235 -8.29 -31.54 -34.98
C TRP A 235 -8.70 -32.93 -35.42
N GLU A 236 -7.98 -33.91 -34.90
CA GLU A 236 -8.21 -35.29 -35.22
C GLU A 236 -8.70 -35.99 -33.98
N LEU A 237 -10.01 -36.17 -33.90
CA LEU A 237 -10.59 -37.03 -32.89
C LEU A 237 -11.00 -38.31 -33.57
N GLU A 238 -10.70 -39.46 -32.97
CA GLU A 238 -11.27 -40.74 -33.42
C GLU A 238 -11.28 -40.92 -34.95
N GLY A 239 -10.19 -40.55 -35.62
CA GLY A 239 -10.03 -40.77 -37.07
C GLY A 239 -10.94 -39.95 -37.96
N GLU A 240 -11.52 -38.92 -37.38
CA GLU A 240 -12.24 -37.91 -38.12
C GLU A 240 -11.35 -36.67 -38.06
N VAL A 241 -11.43 -35.82 -39.07
CA VAL A 241 -10.72 -34.58 -38.99
C VAL A 241 -11.74 -33.48 -39.04
N LEU A 242 -11.66 -32.58 -38.08
CA LEU A 242 -12.61 -31.50 -37.94
C LEU A 242 -11.90 -30.17 -38.15
N PHE A 243 -12.59 -29.24 -38.77
CA PHE A 243 -11.96 -28.02 -39.22
C PHE A 243 -12.71 -26.90 -38.59
N ASP A 244 -12.05 -25.76 -38.44
CA ASP A 244 -12.74 -24.55 -38.10
C ASP A 244 -11.79 -23.42 -38.34
N MET A 245 -12.31 -22.20 -38.35
CA MET A 245 -11.54 -21.01 -38.67
C MET A 245 -11.08 -20.24 -37.44
N VAL A 246 -9.90 -19.65 -37.53
CA VAL A 246 -9.36 -18.92 -36.43
C VAL A 246 -10.37 -17.86 -36.12
N HIS A 247 -10.63 -17.66 -34.83
CA HIS A 247 -11.68 -16.76 -34.41
C HIS A 247 -11.29 -15.36 -34.84
N PRO A 248 -12.16 -14.68 -35.58
CA PRO A 248 -11.87 -13.36 -36.12
C PRO A 248 -11.20 -12.43 -35.13
N THR A 249 -11.77 -12.34 -33.94
CA THR A 249 -11.18 -11.50 -32.93
C THR A 249 -9.68 -11.80 -32.82
N LEU A 250 -9.30 -13.08 -32.75
CA LEU A 250 -7.89 -13.42 -32.65
C LEU A 250 -7.15 -13.04 -33.91
N SER A 251 -7.76 -13.33 -35.05
CA SER A 251 -7.12 -13.00 -36.28
C SER A 251 -6.81 -11.51 -36.21
N TYR A 252 -7.82 -10.71 -35.87
CA TYR A 252 -7.63 -9.26 -35.76
C TYR A 252 -6.47 -8.90 -34.86
N LEU A 253 -6.33 -9.63 -33.77
CA LEU A 253 -5.37 -9.28 -32.74
C LEU A 253 -3.98 -9.68 -33.16
N LEU A 254 -3.89 -10.66 -34.04
CA LEU A 254 -2.60 -11.12 -34.51
C LEU A 254 -2.20 -10.38 -35.75
N GLN A 255 -3.14 -9.70 -36.37
CA GLN A 255 -2.88 -9.25 -37.72
C GLN A 255 -3.07 -7.77 -37.97
N ALA A 256 -4.03 -7.15 -37.29
CA ALA A 256 -4.35 -5.75 -37.53
C ALA A 256 -4.47 -4.92 -36.26
N TYR A 257 -3.78 -5.32 -35.19
CA TYR A 257 -3.84 -4.52 -33.99
C TYR A 257 -2.93 -3.31 -34.09
N LYS A 258 -3.48 -2.13 -33.82
CA LYS A 258 -2.70 -0.89 -33.85
C LYS A 258 -2.86 -0.06 -32.57
N PRO A 259 -1.76 0.12 -31.81
CA PRO A 259 -1.78 1.01 -30.65
C PRO A 259 -1.89 2.49 -31.05
N SER A 260 -2.98 3.13 -30.65
CA SER A 260 -3.20 4.56 -30.95
C SER A 260 -4.43 5.07 -30.19
N LEU A 261 -4.19 6.00 -29.26
CA LEU A 261 -5.27 6.57 -28.44
C LEU A 261 -5.39 8.06 -28.69
N ASP A 264 -4.08 8.88 -34.27
CA ASP A 264 -4.82 9.01 -33.02
C ASP A 264 -6.15 8.25 -33.10
N LEU A 265 -6.96 8.69 -34.06
CA LEU A 265 -8.32 8.18 -34.26
C LEU A 265 -8.37 7.40 -35.57
N ILE A 266 -8.14 6.09 -35.45
CA ILE A 266 -8.07 5.18 -36.61
C ILE A 266 -9.27 4.25 -36.62
N GLU A 267 -10.17 4.42 -35.66
CA GLU A 267 -11.18 3.42 -35.34
C GLU A 267 -12.05 2.99 -36.51
N THR A 268 -13.09 3.77 -36.84
CA THR A 268 -14.09 3.37 -37.87
C THR A 268 -13.41 2.71 -39.03
N ASN A 269 -12.22 3.19 -39.33
CA ASN A 269 -11.38 2.60 -40.35
C ASN A 269 -10.82 1.22 -39.96
N THR A 270 -10.17 1.16 -38.80
CA THR A 270 -9.61 -0.09 -38.27
C THR A 270 -10.75 -1.07 -37.90
N MET A 271 -11.98 -0.60 -38.04
CA MET A 271 -13.15 -1.38 -37.72
C MET A 271 -13.91 -1.89 -38.92
N LEU A 272 -13.70 -1.28 -40.08
CA LEU A 272 -14.18 -1.88 -41.29
C LEU A 272 -13.50 -3.22 -41.43
N PHE A 273 -12.28 -3.34 -40.92
CA PHE A 273 -11.56 -4.63 -40.98
C PHE A 273 -12.30 -5.72 -40.20
N SER A 274 -12.94 -5.38 -39.10
CA SER A 274 -13.86 -6.32 -38.45
C SER A 274 -15.14 -6.57 -39.28
N ASP A 275 -15.28 -5.94 -40.45
CA ASP A 275 -16.33 -6.28 -41.45
C ASP A 275 -15.75 -6.88 -42.74
N VAL A 276 -14.52 -7.35 -42.59
CA VAL A 276 -13.85 -8.30 -43.46
C VAL A 276 -13.77 -9.64 -42.70
N LEU A 277 -13.47 -9.59 -41.40
CA LEU A 277 -13.12 -10.80 -40.67
C LEU A 277 -14.35 -11.53 -40.18
N ASN A 278 -15.28 -10.77 -39.59
CA ASN A 278 -16.57 -11.32 -39.21
C ASN A 278 -17.35 -11.84 -40.43
N LYS A 279 -17.15 -11.19 -41.58
CA LYS A 279 -17.77 -11.60 -42.84
C LYS A 279 -17.19 -12.95 -43.30
N ASP A 280 -15.89 -12.98 -43.56
CA ASP A 280 -15.21 -14.24 -43.83
C ASP A 280 -15.68 -15.33 -42.85
N TYR A 281 -15.54 -15.06 -41.57
CA TYR A 281 -15.92 -16.03 -40.56
C TYR A 281 -17.35 -16.50 -40.77
N ASP A 282 -18.30 -15.55 -40.78
CA ASP A 282 -19.71 -15.89 -40.92
C ASP A 282 -19.98 -16.69 -42.17
N ASP A 283 -19.50 -16.22 -43.31
CA ASP A 283 -19.73 -16.95 -44.58
C ASP A 283 -19.25 -18.38 -44.46
N TYR A 284 -18.00 -18.54 -44.03
CA TYR A 284 -17.45 -19.87 -43.79
C TYR A 284 -18.45 -20.67 -42.99
N GLN A 285 -18.82 -20.14 -41.85
CA GLN A 285 -19.84 -20.81 -41.02
C GLN A 285 -21.13 -21.06 -41.82
N ASN A 286 -21.59 -20.06 -42.53
CA ASN A 286 -22.84 -20.18 -43.26
C ASN A 286 -22.81 -21.32 -44.26
N ASN A 287 -21.63 -21.71 -44.73
CA ASN A 287 -21.49 -22.84 -45.66
C ASN A 287 -20.42 -23.81 -45.23
N LYS A 288 -20.41 -24.12 -43.93
CA LYS A 288 -19.33 -24.88 -43.34
C LYS A 288 -19.27 -26.33 -43.80
N ARG A 289 -20.44 -26.95 -43.95
CA ARG A 289 -20.51 -28.38 -44.28
C ARG A 289 -19.83 -28.66 -45.62
N GLU A 290 -20.18 -27.86 -46.62
CA GLU A 290 -19.62 -28.02 -47.94
C GLU A 290 -18.11 -27.77 -47.94
N ILE A 291 -17.70 -26.68 -47.30
CA ILE A 291 -16.29 -26.29 -47.35
C ILE A 291 -15.43 -27.35 -46.71
N ASP A 292 -15.92 -27.87 -45.59
CA ASP A 292 -15.16 -28.83 -44.84
C ASP A 292 -15.00 -30.11 -45.63
N ALA A 293 -16.00 -30.47 -46.41
CA ALA A 293 -15.89 -31.64 -47.30
C ALA A 293 -14.69 -31.49 -48.25
N ILE A 294 -14.58 -30.31 -48.84
CA ILE A 294 -13.49 -30.04 -49.73
C ILE A 294 -12.20 -30.09 -48.93
N LEU A 295 -12.16 -29.30 -47.89
CA LEU A 295 -10.99 -29.31 -47.08
C LEU A 295 -10.60 -30.73 -46.73
N ARG A 296 -11.57 -31.53 -46.31
CA ARG A 296 -11.29 -32.88 -45.82
C ARG A 296 -10.60 -33.70 -46.87
N ARG A 297 -11.12 -33.57 -48.07
CA ARG A 297 -10.49 -34.11 -49.25
C ARG A 297 -9.00 -33.68 -49.24
N ILE A 298 -8.73 -32.38 -49.13
CA ILE A 298 -7.37 -31.89 -49.26
C ILE A 298 -6.43 -32.30 -48.12
N TYR A 299 -6.97 -32.36 -46.90
CA TYR A 299 -6.17 -32.78 -45.78
C TYR A 299 -5.57 -34.16 -46.02
N ARG A 300 -6.43 -35.07 -46.49
CA ARG A 300 -6.07 -36.47 -46.49
C ARG A 300 -5.08 -36.74 -47.57
N SER A 301 -5.20 -36.01 -48.67
CA SER A 301 -4.35 -36.26 -49.83
C SER A 301 -2.93 -35.69 -49.67
N HIS A 302 -2.71 -34.84 -48.67
CA HIS A 302 -1.42 -34.17 -48.50
C HIS A 302 -0.85 -34.55 -47.16
N ASN A 303 -0.94 -35.83 -46.85
CA ASN A 303 -0.41 -36.37 -45.62
C ASN A 303 -0.91 -35.69 -44.36
N ASN A 304 -2.21 -35.46 -44.31
CA ASN A 304 -2.86 -34.87 -43.13
C ASN A 304 -2.30 -33.52 -42.72
N THR A 305 -2.32 -32.57 -43.65
CA THR A 305 -2.11 -31.16 -43.36
C THR A 305 -2.96 -30.36 -44.31
N LEU A 306 -3.08 -29.07 -44.00
CA LEU A 306 -3.36 -28.06 -45.02
C LEU A 306 -2.15 -27.14 -45.22
N PHE A 307 -1.02 -27.49 -44.62
CA PHE A 307 0.22 -26.74 -44.81
C PHE A 307 0.77 -26.98 -46.21
N ILE A 308 0.10 -26.35 -47.18
CA ILE A 308 0.28 -26.63 -48.61
C ILE A 308 1.19 -25.59 -49.32
N SER A 309 2.31 -26.10 -49.85
CA SER A 309 3.25 -25.31 -50.61
C SER A 309 3.05 -25.57 -52.09
N GLU A 310 3.35 -24.56 -52.91
CA GLU A 310 3.34 -24.72 -54.38
C GLU A 310 4.55 -24.04 -55.04
N LYS A 311 5.53 -24.86 -55.43
CA LYS A 311 6.78 -24.41 -56.04
C LYS A 311 7.48 -23.29 -55.25
N SER A 312 7.88 -23.63 -54.02
CA SER A 312 8.66 -22.76 -53.12
C SER A 312 7.84 -21.75 -52.31
N SER A 313 6.62 -21.44 -52.78
CA SER A 313 5.71 -20.58 -52.05
C SER A 313 4.89 -21.42 -51.06
N CYS A 314 4.80 -20.96 -49.81
CA CYS A 314 4.01 -21.60 -48.77
C CYS A 314 3.66 -20.66 -47.64
N ARG A 315 2.50 -20.04 -47.76
CA ARG A 315 2.06 -19.11 -46.77
C ARG A 315 0.89 -19.70 -45.95
N ASN A 316 0.75 -21.03 -45.97
CA ASN A 316 -0.41 -21.68 -45.37
C ASN A 316 -0.36 -21.90 -43.82
N MET A 317 0.78 -21.66 -43.19
CA MET A 317 0.87 -21.47 -41.70
C MET A 317 -0.22 -20.62 -41.06
N LEU A 318 -0.35 -20.76 -39.74
CA LEU A 318 -1.30 -19.98 -38.94
C LEU A 318 -0.73 -18.66 -38.52
N ILE A 319 0.56 -18.66 -38.18
CA ILE A 319 1.22 -17.50 -37.64
C ILE A 319 2.71 -17.64 -37.90
N VAL B 36 -19.26 14.31 -16.29
CA VAL B 36 -19.41 13.49 -15.04
C VAL B 36 -18.00 13.06 -14.64
N TRP B 37 -17.34 12.24 -15.47
CA TRP B 37 -16.09 11.54 -15.10
C TRP B 37 -15.22 12.28 -14.08
N ASP B 38 -14.86 13.53 -14.36
CA ASP B 38 -13.95 14.26 -13.49
C ASP B 38 -14.61 14.76 -12.20
N ARG B 39 -15.86 15.21 -12.29
CA ARG B 39 -16.64 15.63 -11.13
C ARG B 39 -16.81 14.45 -10.21
N PHE B 40 -17.12 13.33 -10.84
CA PHE B 40 -17.36 12.09 -10.16
C PHE B 40 -16.18 11.66 -9.29
N LYS B 41 -14.97 11.74 -9.81
CA LYS B 41 -13.79 11.38 -9.03
C LYS B 41 -13.58 12.35 -7.88
N ASP B 42 -13.69 13.64 -8.20
CA ASP B 42 -13.62 14.76 -7.23
C ASP B 42 -14.49 14.49 -5.99
N CYS B 43 -15.77 14.19 -6.21
CA CYS B 43 -16.77 13.94 -5.15
C CYS B 43 -16.51 12.69 -4.32
N PHE B 44 -15.83 11.73 -4.92
CA PHE B 44 -15.66 10.41 -4.33
C PHE B 44 -14.35 10.13 -3.61
N ARG B 45 -13.27 10.82 -4.01
CA ARG B 45 -11.94 10.54 -3.48
C ARG B 45 -11.97 10.62 -1.96
N THR B 46 -12.64 11.65 -1.45
CA THR B 46 -12.84 11.85 -0.03
C THR B 46 -12.90 10.52 0.71
N HIS B 47 -13.82 9.67 0.30
CA HIS B 47 -13.97 8.36 0.89
C HIS B 47 -12.80 7.53 0.42
N LYS B 48 -12.78 7.15 -0.85
CA LYS B 48 -11.69 6.34 -1.37
C LYS B 48 -10.46 6.53 -0.49
N LYS B 49 -9.92 7.73 -0.50
CA LYS B 49 -8.65 7.93 0.15
C LYS B 49 -8.75 7.89 1.69
N GLN B 50 -9.86 8.31 2.28
CA GLN B 50 -10.04 8.08 3.71
C GLN B 50 -9.71 6.66 3.93
N GLU B 51 -10.38 5.81 3.19
CA GLU B 51 -10.32 4.40 3.43
C GLU B 51 -8.96 3.78 3.08
N VAL B 52 -8.23 4.32 2.09
CA VAL B 52 -6.88 3.81 1.79
C VAL B 52 -6.06 4.08 3.04
N LEU B 53 -6.02 5.36 3.42
CA LEU B 53 -5.23 5.80 4.57
C LEU B 53 -5.66 4.95 5.73
N GLU B 54 -6.93 5.03 6.09
CA GLU B 54 -7.45 4.28 7.23
C GLU B 54 -6.72 2.99 7.49
N VAL B 55 -6.33 2.29 6.44
CA VAL B 55 -6.03 0.88 6.59
C VAL B 55 -4.93 0.34 5.71
N LEU B 56 -4.28 1.24 4.99
CA LEU B 56 -2.88 1.11 4.78
C LEU B 56 -2.31 0.87 6.18
N TYR B 57 -2.73 1.73 7.11
CA TYR B 57 -2.27 1.67 8.48
C TYR B 57 -2.45 0.31 9.07
N THR B 58 -3.70 -0.06 9.33
CA THR B 58 -4.00 -1.34 9.95
C THR B 58 -3.12 -2.46 9.38
N LEU B 59 -2.89 -2.45 8.07
CA LEU B 59 -2.14 -3.53 7.43
C LEU B 59 -0.71 -3.66 7.96
N ILE B 60 -0.02 -2.53 8.17
CA ILE B 60 1.40 -2.58 8.54
C ILE B 60 1.63 -3.09 9.96
N HIS B 61 0.57 -3.02 10.76
CA HIS B 61 0.59 -3.59 12.09
C HIS B 61 0.99 -5.03 12.06
N GLY B 62 0.63 -5.74 10.99
CA GLY B 62 1.30 -7.00 10.68
C GLY B 62 2.76 -6.75 10.28
N CYS B 63 3.63 -6.53 11.26
CA CYS B 63 5.09 -6.41 11.03
C CYS B 63 5.86 -6.80 12.30
N THR B 76 2.03 -2.06 21.71
CA THR B 76 1.88 -1.25 20.51
C THR B 76 1.54 0.21 20.84
N GLY B 77 1.08 0.48 22.06
CA GLY B 77 0.71 1.86 22.45
C GLY B 77 1.69 2.96 22.07
N MET B 78 2.92 2.89 22.59
CA MET B 78 3.98 3.84 22.28
C MET B 78 4.40 3.61 20.86
N GLU B 79 4.41 2.34 20.49
CA GLU B 79 4.87 1.95 19.18
C GLU B 79 3.98 2.60 18.11
N LYS B 80 2.68 2.74 18.34
CA LYS B 80 1.83 3.48 17.41
C LYS B 80 2.35 4.89 17.20
N ILE B 81 2.45 5.62 18.30
CA ILE B 81 2.85 7.03 18.28
C ILE B 81 4.10 7.29 17.44
N HIS B 82 5.13 6.45 17.64
CA HIS B 82 6.37 6.62 16.92
C HIS B 82 6.10 6.44 15.44
N ALA B 83 5.57 5.28 15.08
CA ALA B 83 5.22 4.97 13.70
C ALA B 83 4.60 6.19 13.06
N PHE B 84 3.49 6.62 13.62
CA PHE B 84 2.75 7.67 13.00
C PHE B 84 3.59 8.92 12.69
N THR B 85 4.50 9.25 13.58
CA THR B 85 5.40 10.36 13.34
C THR B 85 6.52 9.91 12.42
N GLN B 86 6.99 8.68 12.63
CA GLN B 86 7.99 8.11 11.74
C GLN B 86 7.43 8.18 10.33
N LEU B 87 6.11 8.10 10.23
CA LEU B 87 5.43 8.24 8.95
C LEU B 87 5.61 9.64 8.38
N LYS B 88 5.54 10.67 9.22
CA LYS B 88 5.74 12.03 8.73
C LYS B 88 7.17 12.43 8.46
N GLU B 89 8.07 12.01 9.32
CA GLU B 89 9.47 12.46 9.25
C GLU B 89 10.24 11.87 8.07
N TYR B 90 9.70 10.83 7.45
CA TYR B 90 10.12 10.43 6.10
C TYR B 90 9.13 11.02 5.07
N ALA B 91 9.33 12.31 4.76
CA ALA B 91 8.50 13.14 3.86
C ALA B 91 8.94 14.61 3.96
N ASN B 92 8.36 15.49 3.14
CA ASN B 92 8.67 16.92 3.22
C ASN B 92 7.46 17.74 3.66
N PRO B 93 7.68 18.89 4.33
CA PRO B 93 6.55 19.77 4.70
C PRO B 93 5.74 20.25 3.48
N SER B 94 4.51 20.68 3.74
CA SER B 94 3.40 20.66 2.76
C SER B 94 2.77 19.26 2.77
N GLN B 95 3.59 18.25 3.10
CA GLN B 95 3.12 16.91 3.46
C GLN B 95 3.04 16.70 4.98
N GLN B 96 4.09 17.08 5.70
CA GLN B 96 4.11 16.97 7.17
C GLN B 96 3.01 17.82 7.84
N ASP B 97 2.38 18.67 7.03
CA ASP B 97 1.11 19.30 7.33
C ASP B 97 -0.04 18.29 7.49
N ARG B 98 0.01 17.18 6.74
CA ARG B 98 -1.14 16.27 6.58
C ARG B 98 -1.35 15.23 7.69
N PHE B 99 -0.42 15.12 8.64
CA PHE B 99 -0.55 14.19 9.76
C PHE B 99 -0.55 14.96 11.06
N VAL B 100 -1.63 14.85 11.81
CA VAL B 100 -1.76 15.54 13.09
C VAL B 100 -1.99 14.49 14.17
N MET B 101 -1.54 14.75 15.39
CA MET B 101 -1.71 13.79 16.50
C MET B 101 -2.15 14.42 17.82
N ARG B 102 -3.37 14.10 18.23
CA ARG B 102 -4.02 14.85 19.27
C ARG B 102 -4.41 13.98 20.42
N PHE B 103 -4.47 14.60 21.58
CA PHE B 103 -5.23 14.10 22.69
C PHE B 103 -6.69 14.39 22.36
N ASP B 104 -7.58 13.54 22.86
CA ASP B 104 -9.01 13.86 22.86
C ASP B 104 -9.15 15.03 23.82
N MET B 105 -10.25 15.73 23.75
CA MET B 105 -10.46 16.89 24.63
C MET B 105 -10.91 16.49 26.04
N ASN B 106 -10.82 15.20 26.36
CA ASN B 106 -11.10 14.67 27.71
C ASN B 106 -9.90 14.02 28.43
N GLN B 107 -8.70 14.10 27.83
CA GLN B 107 -7.47 13.55 28.43
C GLN B 107 -7.52 12.01 28.73
N THR B 108 -8.44 11.27 28.11
CA THR B 108 -8.44 9.81 28.29
C THR B 108 -7.77 9.04 27.15
N GLN B 109 -7.54 9.72 26.02
CA GLN B 109 -7.20 9.01 24.79
C GLN B 109 -6.42 9.86 23.81
N VAL B 110 -5.62 9.18 22.98
CA VAL B 110 -4.83 9.83 21.93
C VAL B 110 -5.39 9.50 20.55
N LEU B 111 -5.25 10.42 19.59
CA LEU B 111 -5.81 10.24 18.26
C LEU B 111 -4.77 10.51 17.20
N PHE B 112 -4.73 9.65 16.18
CA PHE B 112 -3.77 9.72 15.05
C PHE B 112 -4.58 10.00 13.79
N GLU B 113 -4.18 11.00 13.01
CA GLU B 113 -5.06 11.53 11.97
C GLU B 113 -4.34 12.12 10.77
N ILE B 114 -4.53 11.48 9.62
CA ILE B 114 -4.16 12.05 8.35
C ILE B 114 -5.38 12.83 7.85
N ASP B 115 -5.13 13.96 7.18
CA ASP B 115 -6.17 14.83 6.62
C ASP B 115 -7.42 14.97 7.53
N GLY B 116 -7.17 15.14 8.82
CA GLY B 116 -8.24 15.31 9.80
C GLY B 116 -9.21 14.15 9.81
N LYS B 117 -8.66 12.94 9.76
CA LYS B 117 -9.47 11.74 9.83
C LYS B 117 -8.94 10.84 10.92
N VAL B 118 -9.75 10.64 11.97
CA VAL B 118 -9.42 9.75 13.10
C VAL B 118 -9.17 8.30 12.62
N ILE B 119 -7.91 7.92 12.56
CA ILE B 119 -7.48 6.70 11.92
C ILE B 119 -7.26 5.54 12.89
N ASP B 120 -6.88 5.90 14.11
CA ASP B 120 -6.43 4.95 15.11
C ASP B 120 -6.36 5.72 16.42
N LYS B 121 -6.57 5.04 17.54
CA LYS B 121 -6.85 5.75 18.77
C LYS B 121 -6.51 4.88 19.99
N CYS B 122 -6.02 5.52 21.05
CA CYS B 122 -5.37 4.80 22.16
C CYS B 122 -5.70 5.34 23.55
N ASN B 123 -5.87 4.43 24.51
CA ASN B 123 -6.21 4.82 25.87
C ASN B 123 -4.98 5.13 26.69
N LEU B 124 -5.02 6.28 27.34
CA LEU B 124 -3.98 6.69 28.26
C LEU B 124 -3.72 5.64 29.32
N HIS B 125 -4.81 5.16 29.91
CA HIS B 125 -4.73 4.18 30.98
C HIS B 125 -3.90 3.02 30.46
N ARG B 126 -4.26 2.53 29.29
CA ARG B 126 -3.51 1.45 28.65
C ARG B 126 -2.12 1.94 28.33
N LEU B 127 -2.03 3.11 27.74
CA LEU B 127 -0.75 3.64 27.35
C LEU B 127 0.31 3.54 28.46
N LEU B 128 -0.07 3.87 29.69
CA LEU B 128 0.87 4.00 30.80
C LEU B 128 0.93 2.81 31.74
N ASN B 129 0.44 1.64 31.34
CA ASN B 129 0.45 0.46 32.22
C ASN B 129 -0.10 0.86 33.59
N VAL B 130 -1.35 1.30 33.57
CA VAL B 130 -2.00 1.85 34.75
C VAL B 130 -3.50 1.70 34.47
N SER B 131 -4.30 1.43 35.49
CA SER B 131 -5.70 1.00 35.27
C SER B 131 -6.67 2.12 34.88
N GLU B 132 -7.89 1.73 34.58
CA GLU B 132 -8.95 2.63 34.10
C GLU B 132 -9.43 3.65 35.11
N ASN B 133 -9.30 3.31 36.40
CA ASN B 133 -9.76 4.19 37.47
C ASN B 133 -8.64 5.00 38.12
N CYS B 134 -7.57 5.27 37.35
CA CYS B 134 -6.43 6.06 37.81
C CYS B 134 -6.69 7.51 37.47
N ILE B 135 -6.44 8.41 38.43
CA ILE B 135 -6.81 9.82 38.26
C ILE B 135 -5.72 10.58 37.49
N PHE B 136 -6.16 11.35 36.49
CA PHE B 136 -5.26 12.13 35.66
C PHE B 136 -5.58 13.58 35.68
N LYS B 137 -4.77 14.31 36.45
CA LYS B 137 -4.90 15.73 36.48
C LYS B 137 -4.65 16.20 35.08
N VAL B 138 -5.49 17.11 34.62
CA VAL B 138 -5.42 17.65 33.27
C VAL B 138 -4.09 18.32 33.06
N MET B 139 -3.58 18.17 31.85
CA MET B 139 -2.39 18.84 31.48
C MET B 139 -2.79 20.06 30.69
N GLU B 140 -2.07 21.15 30.94
CA GLU B 140 -2.08 22.25 30.02
C GLU B 140 -1.59 21.68 28.70
N GLU B 141 -1.69 22.48 27.66
CA GLU B 141 -1.39 21.97 26.34
C GLU B 141 0.12 22.02 26.02
N ASP B 142 0.87 22.99 26.54
CA ASP B 142 2.33 22.97 26.37
C ASP B 142 2.91 21.71 26.98
N GLU B 143 2.20 21.20 27.99
CA GLU B 143 2.55 19.95 28.66
C GLU B 143 2.17 18.81 27.75
N GLU B 144 0.90 18.78 27.40
CA GLU B 144 0.38 17.87 26.40
C GLU B 144 1.43 17.68 25.31
N GLU B 145 1.94 18.77 24.76
CA GLU B 145 2.96 18.63 23.74
C GLU B 145 4.15 17.83 24.19
N LEU B 146 4.70 18.15 25.36
CA LEU B 146 5.92 17.50 25.79
C LEU B 146 5.71 16.00 25.96
N PHE B 147 4.69 15.66 26.72
CA PHE B 147 4.31 14.29 26.88
C PHE B 147 4.45 13.54 25.56
N LEU B 148 3.75 14.00 24.55
CA LEU B 148 3.75 13.30 23.28
C LEU B 148 5.17 13.08 22.78
N LYS B 149 6.00 14.12 22.85
CA LYS B 149 7.37 13.99 22.39
C LYS B 149 8.07 12.85 23.11
N ILE B 150 7.93 12.82 24.42
CA ILE B 150 8.55 11.78 25.19
C ILE B 150 8.12 10.42 24.68
N CYS B 151 6.83 10.24 24.45
CA CYS B 151 6.34 8.92 24.04
C CYS B 151 7.04 8.47 22.75
N ILE B 152 7.23 9.41 21.83
CA ILE B 152 7.85 9.09 20.57
C ILE B 152 9.20 8.43 20.81
N LYS B 153 10.05 9.08 21.60
CA LYS B 153 11.29 8.45 21.97
C LYS B 153 11.08 7.09 22.61
N TYR B 154 10.14 7.01 23.52
CA TYR B 154 9.78 5.71 24.06
C TYR B 154 9.45 4.75 22.93
N GLY B 155 8.74 5.26 21.93
CA GLY B 155 8.49 4.51 20.71
C GLY B 155 9.78 4.07 20.07
N GLU B 156 10.63 5.03 19.69
CA GLU B 156 11.94 4.71 19.08
C GLU B 156 12.64 3.55 19.75
N LYS B 157 12.90 3.71 21.02
CA LYS B 157 13.71 2.74 21.73
C LYS B 157 13.03 1.36 21.77
N ILE B 158 11.71 1.34 22.00
CA ILE B 158 10.97 0.08 22.06
C ILE B 158 10.98 -0.63 20.72
N SER B 159 10.96 0.16 19.64
CA SER B 159 10.93 -0.43 18.31
C SER B 159 12.34 -0.79 17.85
N ARG B 160 13.34 0.02 18.25
CA ARG B 160 14.74 -0.31 17.96
C ARG B 160 15.25 -1.47 18.80
N TYR B 161 14.93 -1.48 20.09
CA TYR B 161 15.34 -2.55 21.01
C TYR B 161 14.13 -3.23 21.66
N PRO B 162 13.33 -3.97 20.88
CA PRO B 162 12.06 -4.53 21.36
C PRO B 162 12.18 -5.34 22.66
N GLU B 163 11.98 -6.65 22.65
CA GLU B 163 11.78 -7.35 23.91
C GLU B 163 12.95 -7.22 24.92
N LEU B 164 13.88 -6.28 24.69
CA LEU B 164 14.58 -5.67 25.82
C LEU B 164 13.56 -4.84 26.60
N LEU B 165 12.51 -4.42 25.91
CA LEU B 165 11.25 -3.99 26.51
C LEU B 165 11.01 -4.66 27.86
N GLU B 166 10.92 -5.99 27.86
CA GLU B 166 10.62 -6.72 29.08
C GLU B 166 11.73 -7.69 29.47
N GLY B 167 12.97 -7.38 29.11
CA GLY B 167 14.11 -8.00 29.77
C GLY B 167 13.82 -7.92 31.25
N PHE B 168 13.26 -6.79 31.64
CA PHE B 168 12.55 -6.63 32.92
C PHE B 168 11.97 -5.20 32.99
N ALA B 169 12.80 -4.18 32.70
CA ALA B 169 12.44 -2.74 32.85
C ALA B 169 13.71 -1.86 32.75
N ASN B 170 13.69 -0.68 33.39
CA ASN B 170 14.85 0.22 33.54
C ASN B 170 15.53 0.86 32.34
N LYS B 171 15.95 0.09 31.36
CA LYS B 171 16.93 0.62 30.40
C LYS B 171 16.37 1.43 29.26
N LEU B 172 15.05 1.41 29.06
CA LEU B 172 14.44 2.25 28.04
C LEU B 172 14.18 3.62 28.64
N LYS B 173 13.62 3.61 29.86
CA LYS B 173 13.57 4.81 30.69
C LYS B 173 14.92 5.50 30.65
N ASP B 174 15.97 4.77 30.99
CA ASP B 174 17.30 5.35 31.00
C ASP B 174 17.65 5.87 29.64
N ALA B 175 17.29 5.10 28.62
CA ALA B 175 17.54 5.48 27.25
C ALA B 175 16.92 6.82 26.96
N VAL B 176 15.60 6.90 27.20
CA VAL B 176 14.84 8.11 26.88
C VAL B 176 15.33 9.27 27.75
N ASN B 177 15.64 8.97 29.01
CA ASN B 177 16.22 9.98 29.91
C ASN B 177 17.59 10.47 29.46
N GLU B 178 18.50 9.55 29.13
CA GLU B 178 19.83 9.95 28.70
C GLU B 178 19.82 10.78 27.40
N ASP B 179 18.77 10.63 26.61
CA ASP B 179 18.59 11.35 25.35
C ASP B 179 18.55 12.90 25.45
N ASP B 180 19.47 13.54 24.74
CA ASP B 180 19.64 15.01 24.77
C ASP B 180 18.46 15.81 24.25
N ASP B 181 17.72 15.26 23.30
CA ASP B 181 16.54 15.96 22.78
C ASP B 181 15.45 16.06 23.84
N VAL B 182 15.20 14.96 24.55
CA VAL B 182 14.21 14.97 25.62
C VAL B 182 14.63 15.98 26.68
N LYS B 183 15.87 15.89 27.11
CA LYS B 183 16.38 16.77 28.15
C LYS B 183 16.17 18.23 27.80
N ASP B 184 16.39 18.59 26.56
CA ASP B 184 16.18 19.96 26.11
C ASP B 184 14.74 20.38 26.29
N GLU B 185 13.85 19.67 25.62
CA GLU B 185 12.43 20.01 25.60
C GLU B 185 11.93 20.24 27.02
N VAL B 186 12.35 19.38 27.93
CA VAL B 186 11.90 19.44 29.28
C VAL B 186 12.41 20.75 29.89
N TYR B 187 13.70 20.98 29.84
CA TYR B 187 14.21 22.25 30.35
C TYR B 187 13.54 23.42 29.67
N LYS B 188 13.33 23.31 28.38
CA LYS B 188 12.78 24.40 27.64
C LYS B 188 11.41 24.74 28.21
N LEU B 189 10.67 23.72 28.58
CA LEU B 189 9.38 23.92 29.22
C LEU B 189 9.54 24.36 30.68
N MET B 190 10.19 23.54 31.50
CA MET B 190 10.11 23.69 32.94
C MET B 190 11.13 24.64 33.55
N ARG B 191 12.26 24.87 32.92
CA ARG B 191 13.23 25.83 33.43
C ARG B 191 13.78 26.62 32.26
N SER B 192 12.87 27.31 31.58
CA SER B 192 13.16 27.94 30.30
C SER B 192 14.40 28.82 30.28
N GLY B 193 14.72 29.47 31.40
CA GLY B 193 15.86 30.39 31.45
C GLY B 193 17.19 29.76 31.86
N GLU B 194 17.15 28.51 32.27
CA GLU B 194 18.30 27.83 32.82
C GLU B 194 18.93 27.06 31.69
N ASP B 195 20.25 27.07 31.65
CA ASP B 195 21.00 26.23 30.75
C ASP B 195 21.28 24.93 31.49
N ARG B 196 20.72 23.85 30.97
CA ARG B 196 20.85 22.51 31.54
C ARG B 196 22.28 22.17 31.96
N LYS B 197 23.26 22.60 31.16
CA LYS B 197 24.67 22.24 31.36
C LYS B 197 25.43 23.20 32.28
N MET B 198 24.75 24.15 32.88
CA MET B 198 25.37 24.99 33.89
C MET B 198 25.94 24.13 35.02
N GLU B 199 26.88 24.69 35.78
CA GLU B 199 27.42 24.01 36.95
C GLU B 199 26.52 24.26 38.14
N CYS B 200 26.52 23.34 39.11
CA CYS B 200 25.76 23.52 40.34
C CYS B 200 26.39 24.64 41.16
N VAL B 201 25.75 25.00 42.27
CA VAL B 201 26.32 25.94 43.24
C VAL B 201 26.08 25.39 44.65
N GLU B 202 27.03 25.61 45.55
CA GLU B 202 26.99 24.99 46.87
C GLU B 202 25.97 25.65 47.83
N TRP B 203 25.36 24.81 48.69
CA TRP B 203 24.33 25.17 49.70
C TRP B 203 24.79 26.08 50.87
N ASN B 204 23.95 27.06 51.22
CA ASN B 204 24.23 28.15 52.18
C ASN B 204 23.65 27.88 53.56
N GLY B 205 22.36 27.52 53.62
CA GLY B 205 21.77 26.98 54.85
C GLY B 205 20.87 27.96 55.56
N THR B 206 19.74 28.26 54.95
CA THR B 206 18.80 29.20 55.54
C THR B 206 17.72 28.40 56.32
N LEU B 207 18.10 27.20 56.76
CA LEU B 207 17.19 26.13 57.22
C LEU B 207 16.64 26.27 58.65
N THR B 208 15.34 26.01 58.82
CA THR B 208 14.80 25.64 60.13
C THR B 208 14.42 24.20 59.91
N GLU B 209 13.99 23.49 60.95
CA GLU B 209 13.36 22.17 60.74
C GLU B 209 11.85 22.33 60.58
N GLU B 210 11.33 23.47 61.03
CA GLU B 210 9.98 23.88 60.68
C GLU B 210 9.84 23.94 59.17
N GLU B 211 10.76 24.68 58.55
CA GLU B 211 10.77 24.86 57.10
C GLU B 211 11.05 23.56 56.34
N LYS B 212 12.16 22.91 56.66
CA LYS B 212 12.52 21.65 56.00
C LYS B 212 11.35 20.67 55.87
N ASN B 213 10.43 20.70 56.83
CA ASN B 213 9.30 19.78 56.83
C ASN B 213 8.15 20.24 55.93
N LYS B 214 8.07 21.54 55.66
CA LYS B 214 7.08 22.06 54.73
C LYS B 214 7.43 21.72 53.28
N LEU B 215 8.71 21.37 53.04
CA LEU B 215 9.21 20.99 51.70
C LEU B 215 9.26 19.49 51.51
N ARG B 216 8.62 18.75 52.40
CA ARG B 216 8.62 17.31 52.30
C ARG B 216 7.99 16.88 51.00
N CYS B 217 6.90 17.53 50.60
CA CYS B 217 6.14 17.09 49.44
C CYS B 217 6.92 17.24 48.14
N LEU B 218 7.91 18.11 48.13
CA LEU B 218 8.80 18.25 46.98
C LEU B 218 9.71 17.05 46.72
N GLN B 219 9.95 16.19 47.70
CA GLN B 219 10.80 15.01 47.48
C GLN B 219 10.29 13.71 48.13
N MET B 220 9.08 13.32 47.74
CA MET B 220 8.47 12.07 48.20
C MET B 220 8.01 12.10 49.64
N GLY B 221 8.36 13.16 50.36
CA GLY B 221 8.16 13.20 51.80
C GLY B 221 9.49 13.14 52.54
N SER B 222 10.54 12.75 51.83
CA SER B 222 11.90 12.81 52.37
C SER B 222 12.34 14.24 52.32
N PHE B 223 13.46 14.50 52.99
CA PHE B 223 14.14 15.76 52.79
C PHE B 223 15.63 15.51 52.66
N ASN B 224 16.18 15.94 51.54
CA ASN B 224 17.61 16.00 51.36
C ASN B 224 17.92 17.09 50.36
N ILE B 225 18.83 17.98 50.71
CA ILE B 225 19.00 19.22 49.95
C ILE B 225 19.46 18.97 48.53
N THR B 226 20.27 17.95 48.32
CA THR B 226 20.80 17.67 46.99
C THR B 226 19.74 17.06 46.07
N THR B 227 18.50 16.89 46.56
CA THR B 227 17.41 16.26 45.82
C THR B 227 16.06 16.92 46.04
N GLN B 228 16.02 18.06 46.70
CA GLN B 228 14.72 18.54 47.13
C GLN B 228 13.98 19.23 45.99
N PHE B 229 14.66 19.55 44.89
CA PHE B 229 14.11 20.40 43.83
C PHE B 229 14.00 19.84 42.41
N PHE B 230 14.16 18.53 42.27
CA PHE B 230 14.16 17.88 40.95
C PHE B 230 12.80 17.87 40.22
N LYS B 231 11.71 18.12 40.96
CA LYS B 231 10.38 18.28 40.34
C LYS B 231 9.97 19.74 40.27
N ILE B 232 10.92 20.66 40.46
CA ILE B 232 10.59 22.06 40.54
C ILE B 232 11.15 22.82 39.37
N GLY B 233 10.24 23.35 38.58
CA GLY B 233 10.58 24.23 37.51
C GLY B 233 10.39 25.64 37.97
N TYR B 234 10.91 26.59 37.20
CA TYR B 234 10.78 27.98 37.55
C TYR B 234 11.02 28.89 36.38
N TRP B 235 10.30 30.01 36.38
CA TRP B 235 10.41 31.01 35.34
C TRP B 235 10.61 32.39 35.95
N GLU B 236 11.12 33.31 35.14
CA GLU B 236 11.28 34.66 35.59
C GLU B 236 10.53 35.58 34.64
N LEU B 237 9.55 36.33 35.16
CA LEU B 237 8.85 37.37 34.41
C LEU B 237 8.83 38.69 35.18
N GLU B 238 9.20 39.78 34.52
CA GLU B 238 9.34 41.07 35.18
C GLU B 238 10.25 41.01 36.44
N GLY B 239 11.29 40.19 36.39
CA GLY B 239 12.18 40.03 37.54
C GLY B 239 11.62 39.32 38.77
N GLU B 240 10.40 38.80 38.70
CA GLU B 240 9.92 37.98 39.80
C GLU B 240 10.08 36.53 39.39
N VAL B 241 10.31 35.67 40.36
CA VAL B 241 10.49 34.25 40.10
C VAL B 241 9.19 33.52 40.40
N LEU B 242 8.77 32.70 39.44
CA LEU B 242 7.63 31.84 39.66
C LEU B 242 8.10 30.41 39.62
N PHE B 243 7.43 29.60 40.42
CA PHE B 243 7.79 28.24 40.57
C PHE B 243 6.59 27.43 40.25
N ASP B 244 6.82 26.24 39.73
CA ASP B 244 5.78 25.26 39.72
C ASP B 244 6.39 23.88 39.69
N MET B 245 5.56 22.90 39.99
CA MET B 245 6.01 21.55 39.95
C MET B 245 5.71 20.95 38.60
N VAL B 246 6.56 20.02 38.23
CA VAL B 246 6.36 19.24 37.05
C VAL B 246 5.00 18.60 37.14
N HIS B 247 4.29 18.58 36.02
CA HIS B 247 3.04 17.87 35.96
C HIS B 247 3.29 16.40 36.29
N PRO B 248 2.56 15.87 37.29
CA PRO B 248 2.76 14.54 37.85
C PRO B 248 2.75 13.41 36.85
N THR B 249 1.86 13.46 35.87
CA THR B 249 1.89 12.53 34.77
C THR B 249 3.28 12.51 34.08
N LEU B 250 3.80 13.68 33.77
CA LEU B 250 5.14 13.77 33.22
C LEU B 250 6.22 13.19 34.14
N SER B 251 6.10 13.43 35.44
CA SER B 251 7.01 12.79 36.33
C SER B 251 6.92 11.28 36.15
N TYR B 252 5.72 10.71 36.22
CA TYR B 252 5.56 9.25 36.02
C TYR B 252 6.35 8.84 34.79
N LEU B 253 6.01 9.47 33.68
CA LEU B 253 6.54 9.08 32.40
C LEU B 253 8.07 9.12 32.40
N LEU B 254 8.64 10.04 33.15
CA LEU B 254 10.09 10.19 33.18
C LEU B 254 10.79 9.32 34.19
N GLN B 255 10.06 8.88 35.20
CA GLN B 255 10.66 8.26 36.36
C GLN B 255 10.19 6.85 36.65
N ALA B 256 8.90 6.60 36.45
CA ALA B 256 8.31 5.34 36.87
C ALA B 256 7.66 4.52 35.77
N TYR B 257 7.58 5.05 34.54
CA TYR B 257 7.05 4.26 33.44
C TYR B 257 8.03 3.15 33.11
N LYS B 258 7.51 1.94 32.89
CA LYS B 258 8.32 0.82 32.44
C LYS B 258 7.46 -0.06 31.55
N PRO B 259 7.68 0.02 30.25
CA PRO B 259 6.84 -0.74 29.34
C PRO B 259 7.01 -2.23 29.57
N SER B 260 5.93 -3.01 29.44
CA SER B 260 6.01 -4.47 29.52
C SER B 260 4.72 -5.14 29.08
N LEU B 261 4.58 -6.44 29.38
CA LEU B 261 3.28 -7.12 29.32
C LEU B 261 2.64 -7.19 30.70
N SER B 262 1.35 -6.84 30.76
CA SER B 262 0.60 -6.71 32.01
C SER B 262 1.23 -7.52 33.14
N LEU B 265 0.65 -6.87 35.59
CA LEU B 265 1.43 -7.44 36.69
C LEU B 265 2.13 -6.35 37.46
N ILE B 266 2.62 -5.37 36.73
CA ILE B 266 3.21 -4.19 37.32
C ILE B 266 2.12 -3.13 37.57
N GLU B 267 0.96 -3.34 36.96
CA GLU B 267 -0.16 -2.38 36.93
C GLU B 267 -0.56 -1.92 38.32
N THR B 268 -0.76 -2.91 39.17
CA THR B 268 -1.22 -2.73 40.53
C THR B 268 -0.42 -1.65 41.25
N ASN B 269 0.90 -1.76 41.16
CA ASN B 269 1.83 -0.99 41.97
C ASN B 269 2.29 0.29 41.29
N THR B 270 2.39 0.27 39.97
CA THR B 270 2.70 1.49 39.25
C THR B 270 1.54 2.46 39.50
N MET B 271 0.32 1.93 39.56
CA MET B 271 -0.86 2.75 39.77
C MET B 271 -1.07 3.35 41.18
N LEU B 272 -0.41 2.81 42.19
CA LEU B 272 -0.39 3.48 43.50
C LEU B 272 0.53 4.69 43.44
N PHE B 273 1.65 4.56 42.73
CA PHE B 273 2.58 5.66 42.50
C PHE B 273 1.92 6.90 41.90
N SER B 274 0.96 6.74 40.99
CA SER B 274 0.14 7.88 40.60
C SER B 274 -0.79 8.32 41.76
N ASP B 275 -0.54 7.82 42.98
CA ASP B 275 -1.01 8.48 44.19
C ASP B 275 0.10 8.64 45.24
N VAL B 276 1.34 8.54 44.79
CA VAL B 276 2.56 9.07 45.45
C VAL B 276 2.91 10.39 44.78
N LEU B 277 2.57 10.48 43.50
CA LEU B 277 2.89 11.63 42.70
C LEU B 277 1.76 12.62 42.76
N ASN B 278 0.56 12.19 42.42
CA ASN B 278 -0.58 13.09 42.46
C ASN B 278 -0.72 13.65 43.87
N LYS B 279 -0.29 12.88 44.86
CA LYS B 279 -0.31 13.33 46.24
C LYS B 279 0.63 14.50 46.51
N ASP B 280 1.92 14.27 46.34
CA ASP B 280 2.95 15.30 46.49
C ASP B 280 2.64 16.57 45.73
N TYR B 281 2.12 16.41 44.53
CA TYR B 281 1.80 17.56 43.69
C TYR B 281 0.70 18.36 44.33
N ASP B 282 -0.31 17.66 44.84
CA ASP B 282 -1.37 18.30 45.61
C ASP B 282 -0.85 18.98 46.87
N ASP B 283 0.06 18.32 47.58
CA ASP B 283 0.63 18.89 48.77
C ASP B 283 1.37 20.19 48.47
N TYR B 284 2.15 20.17 47.40
CA TYR B 284 2.84 21.38 47.00
C TYR B 284 1.80 22.48 46.66
N GLN B 285 0.80 22.13 45.86
CA GLN B 285 -0.25 23.06 45.48
C GLN B 285 -1.00 23.55 46.70
N ASN B 286 -1.21 22.65 47.66
CA ASN B 286 -1.85 22.98 48.93
C ASN B 286 -1.19 24.20 49.57
N ASN B 287 0.13 24.14 49.68
CA ASN B 287 0.88 25.15 50.37
C ASN B 287 1.92 25.78 49.46
N LYS B 288 1.50 26.11 48.26
CA LYS B 288 2.40 26.65 47.25
C LYS B 288 2.94 28.03 47.67
N ARG B 289 2.03 28.88 48.11
CA ARG B 289 2.37 30.26 48.47
C ARG B 289 3.54 30.28 49.43
N GLU B 290 3.35 29.60 50.55
CA GLU B 290 4.38 29.49 51.56
C GLU B 290 5.61 28.79 51.00
N ILE B 291 5.40 27.66 50.32
CA ILE B 291 6.53 26.90 49.78
C ILE B 291 7.31 27.73 48.76
N ASP B 292 6.59 28.45 47.91
CA ASP B 292 7.23 29.28 46.89
C ASP B 292 8.07 30.34 47.55
N ALA B 293 7.62 30.79 48.72
CA ALA B 293 8.29 31.84 49.48
C ALA B 293 9.64 31.35 49.91
N ILE B 294 9.68 30.12 50.40
CA ILE B 294 10.94 29.54 50.80
C ILE B 294 11.81 29.39 49.58
N LEU B 295 11.26 28.78 48.53
CA LEU B 295 12.00 28.56 47.28
C LEU B 295 12.49 29.87 46.70
N ARG B 296 11.67 30.91 46.77
CA ARG B 296 12.05 32.20 46.22
C ARG B 296 13.34 32.62 46.88
N ARG B 297 13.35 32.52 48.19
CA ARG B 297 14.56 32.81 48.95
C ARG B 297 15.74 31.96 48.47
N ILE B 298 15.55 30.65 48.44
CA ILE B 298 16.65 29.75 48.18
C ILE B 298 17.21 30.02 46.79
N TYR B 299 16.31 30.13 45.82
CA TYR B 299 16.64 30.47 44.44
C TYR B 299 17.56 31.67 44.35
N ARG B 300 17.15 32.71 45.08
CA ARG B 300 17.80 33.99 44.99
C ARG B 300 19.12 33.98 45.70
N SER B 301 19.17 33.27 46.83
CA SER B 301 20.39 33.22 47.61
C SER B 301 21.44 32.30 46.96
N HIS B 302 21.09 31.67 45.83
CA HIS B 302 22.03 30.80 45.10
C HIS B 302 22.24 31.18 43.64
N ASN B 303 22.28 32.47 43.38
CA ASN B 303 22.52 32.96 42.04
C ASN B 303 21.37 32.61 41.08
N ASN B 304 20.15 32.52 41.61
CA ASN B 304 18.97 32.31 40.80
C ASN B 304 18.91 30.95 40.16
N THR B 305 18.98 29.93 40.98
CA THR B 305 18.72 28.58 40.53
C THR B 305 18.29 27.74 41.73
N LEU B 306 17.76 26.55 41.46
CA LEU B 306 17.57 25.56 42.51
C LEU B 306 18.46 24.37 42.23
N PHE B 307 19.42 24.55 41.32
CA PHE B 307 20.26 23.45 40.89
C PHE B 307 21.47 23.34 41.81
N ILE B 308 21.24 22.80 43.01
CA ILE B 308 22.17 23.00 44.11
C ILE B 308 22.90 21.73 44.56
N SER B 309 24.23 21.84 44.63
CA SER B 309 25.13 20.79 45.08
C SER B 309 25.46 20.96 46.55
N GLU B 310 25.95 19.88 47.16
CA GLU B 310 26.50 19.92 48.51
C GLU B 310 27.47 18.74 48.69
N LYS B 311 28.76 19.03 48.82
CA LYS B 311 29.77 17.97 48.87
C LYS B 311 30.14 17.63 47.43
N SER B 312 30.47 16.37 47.18
CA SER B 312 30.60 15.88 45.83
C SER B 312 29.26 15.74 45.07
N SER B 313 28.14 15.77 45.79
CA SER B 313 26.81 15.42 45.22
C SER B 313 25.98 16.62 44.72
N CYS B 314 25.12 16.37 43.72
CA CYS B 314 24.14 17.36 43.18
C CYS B 314 23.05 16.64 42.38
N ARG B 315 21.87 16.50 42.97
CA ARG B 315 20.80 15.68 42.41
C ARG B 315 19.60 16.51 41.88
N ASN B 316 19.71 17.84 41.83
CA ASN B 316 18.53 18.72 41.71
C ASN B 316 18.14 19.16 40.31
N MET B 317 18.85 18.64 39.31
CA MET B 317 18.41 18.70 37.90
C MET B 317 16.96 18.25 37.66
N LEU B 318 16.50 18.47 36.44
CA LEU B 318 15.20 17.98 36.02
C LEU B 318 15.30 16.59 35.43
N ILE B 319 16.37 16.34 34.68
CA ILE B 319 16.49 15.09 33.94
C ILE B 319 17.95 14.75 33.66
N UNK C 1 12.19 -3.65 -2.55
CA UNK C 1 10.94 -2.82 -2.49
C UNK C 1 9.71 -3.62 -2.92
N UNK C 2 9.62 -3.96 -4.20
CA UNK C 2 8.56 -4.87 -4.64
C UNK C 2 8.52 -6.06 -3.66
N UNK C 3 9.71 -6.54 -3.29
CA UNK C 3 9.89 -7.64 -2.33
C UNK C 3 9.07 -7.49 -1.05
N UNK C 4 8.85 -6.26 -0.61
CA UNK C 4 7.97 -5.93 0.52
C UNK C 4 6.49 -5.89 0.12
N UNK C 5 6.14 -5.05 -0.87
CA UNK C 5 4.76 -4.95 -1.37
C UNK C 5 4.12 -6.33 -1.48
N UNK C 6 4.88 -7.28 -2.02
CA UNK C 6 4.39 -8.64 -2.20
C UNK C 6 4.11 -9.29 -0.84
N UNK C 7 5.02 -9.08 0.12
CA UNK C 7 4.83 -9.59 1.49
C UNK C 7 3.60 -8.97 2.23
N UNK C 8 3.08 -7.83 1.76
CA UNK C 8 1.81 -7.26 2.24
C UNK C 8 0.59 -7.92 1.58
N UNK C 9 0.75 -8.38 0.35
CA UNK C 9 -0.28 -9.17 -0.33
C UNK C 9 -0.27 -10.62 0.14
N UNK D 1 13.03 1.03 4.31
CA UNK D 1 12.31 0.70 3.02
C UNK D 1 10.79 0.58 3.19
N UNK D 2 10.35 -0.17 4.23
CA UNK D 2 8.92 -0.38 4.54
C UNK D 2 8.13 0.92 4.68
N UNK D 3 8.83 2.03 4.93
CA UNK D 3 8.23 3.36 4.93
C UNK D 3 7.91 3.83 3.51
N UNK D 4 8.89 3.73 2.61
CA UNK D 4 8.69 4.17 1.21
C UNK D 4 7.42 3.56 0.61
N UNK D 5 7.29 2.24 0.79
CA UNK D 5 6.06 1.55 0.43
C UNK D 5 4.91 2.31 1.08
N UNK D 6 4.85 2.25 2.42
CA UNK D 6 3.74 2.83 3.13
C UNK D 6 3.49 4.25 2.62
N UNK D 7 4.51 5.10 2.62
CA UNK D 7 4.33 6.48 2.20
C UNK D 7 3.82 6.56 0.77
N UNK D 8 4.34 5.69 -0.09
CA UNK D 8 3.91 5.66 -1.49
C UNK D 8 2.43 5.34 -1.59
N UNK D 9 2.03 4.29 -0.87
CA UNK D 9 0.64 3.86 -0.78
C UNK D 9 -0.26 4.92 -0.16
N UNK D 10 0.24 5.64 0.85
CA UNK D 10 -0.52 6.74 1.47
C UNK D 10 -0.55 7.98 0.59
N UNK D 11 0.56 8.26 -0.10
CA UNK D 11 0.66 9.46 -0.92
C UNK D 11 0.05 9.25 -2.30
#